data_6UAC
#
_entry.id   6UAC
#
_cell.length_a   104.339
_cell.length_b   104.339
_cell.length_c   98.975
_cell.angle_alpha   90.000
_cell.angle_beta   90.000
_cell.angle_gamma   120.000
#
_symmetry.space_group_name_H-M   'P 64 2 2'
#
loop_
_entity.id
_entity.type
_entity.pdbx_description
1 polymer 'Putative metallo-beta-lactamase l1 (Beta-lactamase type ii) (Ec 3.5.2.6) (Penicillinase)'
2 non-polymer 1,2-ETHANEDIOL
3 non-polymer 'CADMIUM ION'
4 non-polymer '(2R)-2-((R)-CARBOXY{[CARBOXY(4-HYDROXYPHENYL)ACETYL]AMINO}METHOXYMETHYL)-5-METHYLENE-5,6-DIHYDRO-2H-1,3-OXAZINE-4-CARBO XYLIC ACID'
5 water water
#
_entity_poly.entity_id   1
_entity_poly.type   'polypeptide(L)'
_entity_poly.pdbx_seq_one_letter_code
;SNAASAAEAPLPQLRAYTVDASWLQPMAPLQVADHTWQIGTEDLTALLVQTAEGAVLLDGGMPQMAGHLLDNMKLRGVAP
QDLRLILLSHAHADHAGPVAELKRRTGAHVAANAETAVLLARGGSNDLHFGDGITYPPASADRIIMDGEVVTVGGIAFTA
HFMPGHTPGSTAWTWTDTRDGKPVRIAYADSLSAPGYQLKGNPRYPRLIEDYKRSFATVRALPCDLLLTPHPGASNWNYA
VGSKASAEALTCNAYADAAEKKFDAQLARETAGTR
;
_entity_poly.pdbx_strand_id   A
#
loop_
_chem_comp.id
_chem_comp.type
_chem_comp.name
_chem_comp.formula
CD non-polymer 'CADMIUM ION' 'Cd 2'
EDO non-polymer 1,2-ETHANEDIOL 'C2 H6 O2'
MX1 non-polymer '(2R)-2-((R)-CARBOXY{[CARBOXY(4-HYDROXYPHENYL)ACETYL]AMINO}METHOXYMETHYL)-5-METHYLENE-5,6-DIHYDRO-2H-1,3-OXAZINE-4-CARBO XYLIC ACID' 'C18 H18 N2 O10'
#
# COMPACT_ATOMS: atom_id res chain seq x y z
N GLU A 8 36.70 -4.37 24.48
CA GLU A 8 35.78 -3.32 24.10
C GLU A 8 34.78 -3.78 23.05
N ALA A 9 33.49 -3.58 23.31
CA ALA A 9 32.48 -3.92 22.33
C ALA A 9 32.68 -3.09 21.07
N PRO A 10 32.72 -3.70 19.88
CA PRO A 10 32.59 -2.91 18.65
C PRO A 10 31.17 -2.40 18.52
N LEU A 11 31.00 -1.41 17.64
CA LEU A 11 29.67 -0.95 17.30
C LEU A 11 28.87 -2.12 16.73
N PRO A 12 27.54 -2.10 16.88
CA PRO A 12 26.75 -3.23 16.39
C PRO A 12 26.74 -3.30 14.88
N GLN A 13 26.58 -4.51 14.35
CA GLN A 13 26.38 -4.66 12.92
C GLN A 13 25.04 -4.06 12.50
N LEU A 14 24.96 -3.69 11.23
CA LEU A 14 23.66 -3.33 10.65
C LEU A 14 22.71 -4.52 10.74
N ARG A 15 21.44 -4.22 10.99
N ARG A 15 21.44 -4.21 10.97
CA ARG A 15 20.42 -5.25 11.10
CA ARG A 15 20.40 -5.24 11.11
C ARG A 15 19.50 -5.16 9.89
C ARG A 15 19.47 -5.16 9.91
N ALA A 16 19.23 -6.30 9.26
CA ALA A 16 18.32 -6.33 8.13
C ALA A 16 16.86 -6.21 8.60
N TYR A 17 16.05 -5.62 7.74
CA TYR A 17 14.61 -5.60 7.96
C TYR A 17 14.07 -6.97 7.59
N THR A 18 13.79 -7.79 8.58
CA THR A 18 13.26 -9.13 8.37
C THR A 18 11.77 -9.15 8.69
N VAL A 19 11.03 -9.99 7.96
CA VAL A 19 9.57 -10.05 8.06
C VAL A 19 9.15 -11.51 8.19
N ASP A 20 7.89 -11.71 8.58
CA ASP A 20 7.34 -13.05 8.65
C ASP A 20 7.43 -13.73 7.28
N ALA A 21 7.68 -15.04 7.29
CA ALA A 21 7.85 -15.77 6.03
C ALA A 21 6.64 -15.64 5.12
N SER A 22 5.41 -15.56 5.68
CA SER A 22 4.23 -15.47 4.82
C SER A 22 4.20 -14.18 4.02
N TRP A 23 4.86 -13.12 4.52
CA TRP A 23 4.94 -11.88 3.75
C TRP A 23 5.79 -12.06 2.51
N LEU A 24 6.65 -13.09 2.47
CA LEU A 24 7.55 -13.35 1.37
C LEU A 24 7.18 -14.61 0.61
N GLN A 25 5.96 -15.12 0.79
CA GLN A 25 5.54 -16.37 0.18
C GLN A 25 4.85 -16.09 -1.14
N PRO A 26 5.47 -16.39 -2.29
CA PRO A 26 4.83 -16.05 -3.57
C PRO A 26 3.49 -16.77 -3.74
N MET A 27 2.59 -16.13 -4.50
CA MET A 27 1.33 -16.73 -4.91
C MET A 27 1.09 -16.41 -6.37
N ALA A 28 0.29 -17.25 -7.02
CA ALA A 28 -0.14 -16.99 -8.39
C ALA A 28 -1.18 -15.88 -8.38
N PRO A 29 -1.42 -15.24 -9.54
CA PRO A 29 -2.40 -14.14 -9.58
C PRO A 29 -3.78 -14.60 -9.13
N LEU A 30 -4.40 -13.77 -8.29
CA LEU A 30 -5.74 -14.01 -7.75
C LEU A 30 -6.68 -12.91 -8.22
N GLN A 31 -7.71 -13.28 -8.97
CA GLN A 31 -8.58 -12.27 -9.56
C GLN A 31 -9.49 -11.66 -8.50
N VAL A 32 -9.51 -10.32 -8.44
CA VAL A 32 -10.34 -9.57 -7.52
C VAL A 32 -11.59 -9.05 -8.21
N ALA A 33 -11.46 -8.61 -9.45
CA ALA A 33 -12.57 -8.18 -10.28
C ALA A 33 -12.12 -8.32 -11.74
N ASP A 34 -12.95 -7.83 -12.68
CA ASP A 34 -12.71 -8.15 -14.08
C ASP A 34 -11.30 -7.76 -14.54
N HIS A 35 -10.77 -6.64 -14.05
CA HIS A 35 -9.44 -6.21 -14.49
C HIS A 35 -8.43 -6.08 -13.37
N THR A 36 -8.75 -6.52 -12.17
CA THR A 36 -7.92 -6.28 -10.99
C THR A 36 -7.48 -7.61 -10.41
N TRP A 37 -6.18 -7.75 -10.18
CA TRP A 37 -5.59 -9.00 -9.71
C TRP A 37 -4.64 -8.75 -8.56
N GLN A 38 -4.69 -9.60 -7.54
CA GLN A 38 -3.65 -9.65 -6.52
C GLN A 38 -2.48 -10.47 -7.06
N ILE A 39 -1.30 -9.86 -7.14
CA ILE A 39 -0.14 -10.53 -7.72
C ILE A 39 1.07 -10.51 -6.80
N GLY A 40 0.86 -10.15 -5.53
CA GLY A 40 1.98 -10.13 -4.60
C GLY A 40 2.22 -11.44 -3.90
N THR A 41 2.33 -11.41 -2.59
CA THR A 41 2.58 -12.62 -1.81
C THR A 41 1.33 -12.93 -0.98
N GLU A 42 1.39 -14.05 -0.26
CA GLU A 42 0.24 -14.45 0.55
C GLU A 42 -0.15 -13.36 1.54
N ASP A 43 0.82 -12.61 2.08
CA ASP A 43 0.49 -11.62 3.11
C ASP A 43 0.92 -10.20 2.76
N LEU A 44 1.26 -9.90 1.52
CA LEU A 44 1.45 -8.51 1.11
C LEU A 44 0.71 -8.26 -0.19
N THR A 45 -0.12 -7.22 -0.20
CA THR A 45 -0.92 -6.91 -1.38
C THR A 45 -0.09 -6.21 -2.44
N ALA A 46 -0.30 -6.61 -3.69
CA ALA A 46 0.22 -5.86 -4.84
C ALA A 46 -0.83 -6.04 -5.93
N LEU A 47 -1.55 -4.97 -6.26
CA LEU A 47 -2.68 -5.07 -7.17
C LEU A 47 -2.27 -4.66 -8.57
N LEU A 48 -2.58 -5.50 -9.53
CA LEU A 48 -2.38 -5.21 -10.95
C LEU A 48 -3.75 -4.90 -11.53
N VAL A 49 -3.90 -3.72 -12.13
CA VAL A 49 -5.11 -3.36 -12.86
C VAL A 49 -4.74 -3.27 -14.33
N GLN A 50 -5.37 -4.10 -15.16
CA GLN A 50 -5.02 -4.24 -16.57
C GLN A 50 -6.01 -3.46 -17.43
N THR A 51 -5.50 -2.53 -18.22
CA THR A 51 -6.35 -1.73 -19.10
C THR A 51 -5.96 -1.99 -20.54
N ALA A 52 -6.78 -1.45 -21.45
CA ALA A 52 -6.50 -1.59 -22.88
C ALA A 52 -5.26 -0.84 -23.30
N GLU A 53 -4.78 0.09 -22.48
CA GLU A 53 -3.63 0.92 -22.82
C GLU A 53 -2.50 0.76 -21.82
N GLY A 54 -2.42 -0.39 -21.17
CA GLY A 54 -1.36 -0.68 -20.23
C GLY A 54 -1.89 -0.98 -18.84
N ALA A 55 -0.96 -1.35 -17.97
CA ALA A 55 -1.31 -1.80 -16.63
C ALA A 55 -0.88 -0.80 -15.56
N VAL A 56 -1.58 -0.87 -14.44
CA VAL A 56 -1.28 -0.09 -13.24
C VAL A 56 -0.94 -1.06 -12.12
N LEU A 57 0.11 -0.74 -11.36
CA LEU A 57 0.45 -1.51 -10.17
C LEU A 57 0.21 -0.65 -8.94
N LEU A 58 -0.55 -1.17 -7.98
CA LEU A 58 -0.77 -0.51 -6.69
C LEU A 58 -0.02 -1.30 -5.63
N ASP A 59 1.09 -0.72 -5.15
CA ASP A 59 2.05 -1.32 -4.21
C ASP A 59 2.83 -2.47 -4.83
N GLY A 60 4.00 -2.74 -4.28
CA GLY A 60 4.82 -3.83 -4.79
C GLY A 60 5.33 -4.76 -3.72
N GLY A 61 5.09 -4.44 -2.45
CA GLY A 61 5.59 -5.32 -1.40
C GLY A 61 7.02 -5.01 -1.02
N MET A 62 7.76 -6.05 -0.67
CA MET A 62 9.16 -5.96 -0.22
C MET A 62 10.13 -5.79 -1.39
N PRO A 63 11.34 -5.28 -1.14
CA PRO A 63 12.30 -5.10 -2.25
C PRO A 63 12.57 -6.36 -3.04
N GLN A 64 12.61 -7.52 -2.38
CA GLN A 64 12.96 -8.75 -3.09
C GLN A 64 11.80 -9.32 -3.90
N MET A 65 10.65 -8.66 -3.94
CA MET A 65 9.50 -9.16 -4.70
C MET A 65 9.49 -8.69 -6.16
N ALA A 66 10.47 -7.89 -6.59
CA ALA A 66 10.44 -7.31 -7.93
C ALA A 66 10.31 -8.38 -9.01
N GLY A 67 11.15 -9.41 -8.93
CA GLY A 67 11.11 -10.44 -9.96
C GLY A 67 9.81 -11.21 -9.97
N HIS A 68 9.29 -11.53 -8.79
CA HIS A 68 8.01 -12.24 -8.71
C HIS A 68 6.89 -11.42 -9.33
N LEU A 69 6.88 -10.11 -9.06
CA LEU A 69 5.83 -9.27 -9.63
C LEU A 69 5.89 -9.31 -11.15
N LEU A 70 7.09 -9.20 -11.72
CA LEU A 70 7.22 -9.25 -13.17
C LEU A 70 6.80 -10.62 -13.73
N ASP A 71 7.14 -11.70 -13.01
CA ASP A 71 6.68 -13.03 -13.40
C ASP A 71 5.16 -13.09 -13.47
N ASN A 72 4.48 -12.60 -12.41
CA ASN A 72 3.02 -12.65 -12.39
C ASN A 72 2.42 -11.73 -13.45
N MET A 73 3.05 -10.58 -13.69
CA MET A 73 2.59 -9.72 -14.79
C MET A 73 2.63 -10.47 -16.11
N LYS A 74 3.71 -11.21 -16.35
CA LYS A 74 3.82 -11.97 -17.59
C LYS A 74 2.74 -13.04 -17.68
N LEU A 75 2.43 -13.70 -16.55
CA LEU A 75 1.33 -14.67 -16.56
C LEU A 75 0.02 -14.02 -16.95
N ARG A 76 -0.15 -12.74 -16.63
N ARG A 76 -0.16 -12.74 -16.62
CA ARG A 76 -1.36 -11.99 -16.94
CA ARG A 76 -1.38 -12.01 -16.95
C ARG A 76 -1.33 -11.36 -18.33
C ARG A 76 -1.36 -11.42 -18.35
N GLY A 77 -0.30 -11.63 -19.12
CA GLY A 77 -0.17 -11.05 -20.44
C GLY A 77 0.44 -9.66 -20.47
N VAL A 78 1.07 -9.24 -19.38
CA VAL A 78 1.62 -7.89 -19.24
C VAL A 78 3.13 -8.00 -19.32
N ALA A 79 3.71 -7.56 -20.44
CA ALA A 79 5.15 -7.47 -20.56
C ALA A 79 5.67 -6.33 -19.68
N PRO A 80 6.95 -6.36 -19.31
CA PRO A 80 7.47 -5.27 -18.46
C PRO A 80 7.15 -3.88 -18.98
N GLN A 81 7.37 -3.62 -20.29
CA GLN A 81 7.12 -2.28 -20.82
C GLN A 81 5.65 -1.92 -20.87
N ASP A 82 4.74 -2.86 -20.62
CA ASP A 82 3.32 -2.57 -20.60
C ASP A 82 2.87 -1.95 -19.29
N LEU A 83 3.74 -1.95 -18.27
CA LEU A 83 3.40 -1.33 -16.99
C LEU A 83 3.58 0.18 -17.12
N ARG A 84 2.49 0.91 -16.98
CA ARG A 84 2.48 2.36 -17.21
C ARG A 84 2.66 3.16 -15.94
N LEU A 85 2.12 2.67 -14.83
CA LEU A 85 1.94 3.51 -13.67
C LEU A 85 2.05 2.68 -12.41
N ILE A 86 2.76 3.21 -11.42
CA ILE A 86 2.85 2.64 -10.08
C ILE A 86 2.24 3.65 -9.12
N LEU A 87 1.29 3.17 -8.31
CA LEU A 87 0.65 3.94 -7.24
C LEU A 87 0.99 3.27 -5.92
N LEU A 88 0.97 4.04 -4.83
CA LEU A 88 1.38 3.52 -3.53
C LEU A 88 0.36 3.82 -2.45
N SER A 89 0.22 2.89 -1.51
CA SER A 89 -0.48 3.19 -0.27
C SER A 89 0.39 4.08 0.64
N HIS A 90 1.55 3.57 1.04
CA HIS A 90 2.51 4.41 1.74
C HIS A 90 3.92 3.86 1.47
N ALA A 91 4.91 4.73 1.65
CA ALA A 91 6.26 4.43 1.17
C ALA A 91 7.15 3.80 2.26
N HIS A 92 6.67 2.73 2.88
CA HIS A 92 7.51 1.90 3.72
C HIS A 92 8.05 0.71 2.93
N ALA A 93 9.12 0.12 3.46
CA ALA A 93 9.88 -0.87 2.72
C ALA A 93 9.06 -2.08 2.30
N ASP A 94 8.05 -2.47 3.07
CA ASP A 94 7.26 -3.65 2.75
C ASP A 94 6.10 -3.38 1.81
N HIS A 95 5.96 -2.15 1.32
CA HIS A 95 4.93 -1.84 0.32
C HIS A 95 5.51 -1.16 -0.91
N ALA A 96 6.54 -0.34 -0.73
CA ALA A 96 7.22 0.35 -1.81
C ALA A 96 8.60 -0.22 -2.11
N GLY A 97 8.96 -1.31 -1.46
CA GLY A 97 10.28 -1.89 -1.55
C GLY A 97 10.89 -2.00 -2.94
N PRO A 98 10.16 -2.54 -3.91
CA PRO A 98 10.75 -2.80 -5.23
C PRO A 98 10.53 -1.70 -6.27
N VAL A 99 10.05 -0.53 -5.84
CA VAL A 99 9.66 0.51 -6.81
C VAL A 99 10.83 0.93 -7.68
N ALA A 100 12.00 1.16 -7.08
CA ALA A 100 13.14 1.62 -7.89
C ALA A 100 13.48 0.60 -8.98
N GLU A 101 13.55 -0.68 -8.60
CA GLU A 101 13.87 -1.71 -9.58
C GLU A 101 12.79 -1.83 -10.63
N LEU A 102 11.52 -1.74 -10.21
CA LEU A 102 10.44 -1.83 -11.19
C LEU A 102 10.51 -0.69 -12.19
N LYS A 103 10.79 0.53 -11.72
CA LYS A 103 10.94 1.64 -12.65
C LYS A 103 12.05 1.38 -13.65
N ARG A 104 13.19 0.86 -13.18
CA ARG A 104 14.31 0.59 -14.07
C ARG A 104 13.96 -0.45 -15.13
N ARG A 105 13.19 -1.47 -14.75
CA ARG A 105 12.96 -2.62 -15.62
C ARG A 105 11.71 -2.47 -16.48
N THR A 106 10.82 -1.56 -16.12
N THR A 106 10.83 -1.51 -16.17
CA THR A 106 9.67 -1.19 -16.93
CA THR A 106 9.56 -1.37 -16.89
C THR A 106 9.85 0.25 -17.37
C THR A 106 9.37 -0.03 -17.56
N GLY A 107 8.83 0.82 -18.01
N GLY A 107 10.06 1.02 -17.11
CA GLY A 107 8.87 2.24 -18.29
CA GLY A 107 9.77 2.35 -17.58
C GLY A 107 7.88 2.96 -17.40
C GLY A 107 8.53 3.00 -16.99
N ALA A 108 7.57 2.36 -16.26
N ALA A 108 7.85 2.33 -16.04
CA ALA A 108 6.53 2.86 -15.39
CA ALA A 108 6.65 2.91 -15.45
C ALA A 108 6.93 4.18 -14.75
C ALA A 108 6.97 4.21 -14.73
N HIS A 109 5.96 5.09 -14.65
CA HIS A 109 6.03 6.30 -13.84
C HIS A 109 5.41 6.01 -12.48
N VAL A 110 5.84 6.76 -11.48
CA VAL A 110 5.27 6.73 -10.14
C VAL A 110 4.48 8.02 -9.91
N ALA A 111 3.24 7.90 -9.43
CA ALA A 111 2.44 9.04 -9.01
C ALA A 111 2.19 8.94 -7.52
N ALA A 112 2.45 10.01 -6.78
CA ALA A 112 2.30 9.96 -5.33
C ALA A 112 2.16 11.37 -4.80
N ASN A 113 1.62 11.49 -3.57
CA ASN A 113 1.57 12.81 -2.98
C ASN A 113 2.95 13.25 -2.49
N ALA A 114 3.07 14.52 -2.10
CA ALA A 114 4.38 15.08 -1.76
C ALA A 114 5.00 14.37 -0.58
N GLU A 115 4.21 14.05 0.45
CA GLU A 115 4.75 13.35 1.60
C GLU A 115 5.31 11.99 1.20
N THR A 116 4.54 11.24 0.41
CA THR A 116 5.05 9.95 -0.02
C THR A 116 6.27 10.11 -0.91
N ALA A 117 6.27 11.14 -1.76
CA ALA A 117 7.39 11.35 -2.66
C ALA A 117 8.68 11.61 -1.89
N VAL A 118 8.63 12.43 -0.84
CA VAL A 118 9.87 12.75 -0.13
C VAL A 118 10.37 11.52 0.65
N LEU A 119 9.44 10.73 1.22
CA LEU A 119 9.87 9.52 1.92
C LEU A 119 10.45 8.50 0.96
N LEU A 120 9.80 8.31 -0.19
CA LEU A 120 10.31 7.41 -1.21
C LEU A 120 11.69 7.84 -1.70
N ALA A 121 11.88 9.16 -1.89
CA ALA A 121 13.15 9.64 -2.41
C ALA A 121 14.30 9.48 -1.42
N ARG A 122 14.01 9.35 -0.13
CA ARG A 122 15.08 9.00 0.81
C ARG A 122 15.04 7.53 1.20
N GLY A 123 14.37 6.70 0.40
CA GLY A 123 14.37 5.26 0.63
C GLY A 123 13.86 4.85 2.00
N GLY A 124 12.91 5.60 2.56
CA GLY A 124 12.41 5.27 3.87
C GLY A 124 13.34 5.59 5.01
N SER A 125 14.51 6.18 4.76
CA SER A 125 15.40 6.54 5.85
C SER A 125 14.81 7.73 6.62
N ASN A 126 15.34 7.95 7.82
CA ASN A 126 14.89 9.04 8.70
C ASN A 126 13.36 9.03 8.84
N ASP A 127 12.84 7.84 9.07
CA ASP A 127 11.41 7.67 9.31
C ASP A 127 11.01 8.37 10.62
N LEU A 128 9.79 8.93 10.63
CA LEU A 128 9.33 9.66 11.81
C LEU A 128 9.36 8.81 13.08
N HIS A 129 9.16 7.49 12.94
CA HIS A 129 9.08 6.60 14.08
C HIS A 129 10.15 5.51 14.10
N PHE A 130 10.61 5.07 12.93
CA PHE A 130 11.48 3.90 12.82
C PHE A 130 12.93 4.26 12.51
N GLY A 131 13.28 5.54 12.49
CA GLY A 131 14.66 5.93 12.21
C GLY A 131 15.13 5.40 10.86
N ASP A 132 16.31 4.76 10.83
CA ASP A 132 16.89 4.20 9.61
C ASP A 132 16.73 2.68 9.53
N GLY A 133 15.85 2.09 10.34
CA GLY A 133 15.77 0.65 10.41
C GLY A 133 15.10 -0.02 9.23
N ILE A 134 14.32 0.73 8.44
CA ILE A 134 13.57 0.16 7.32
C ILE A 134 13.91 0.87 6.01
N THR A 135 15.19 1.14 5.77
CA THR A 135 15.62 1.75 4.51
C THR A 135 15.55 0.74 3.36
N TYR A 136 15.23 1.25 2.18
CA TYR A 136 15.13 0.46 0.96
C TYR A 136 15.62 1.35 -0.19
N PRO A 137 15.78 0.81 -1.40
CA PRO A 137 16.35 1.63 -2.50
C PRO A 137 15.45 2.81 -2.83
N PRO A 138 16.00 4.02 -2.86
CA PRO A 138 15.18 5.21 -3.12
C PRO A 138 14.65 5.23 -4.54
N ALA A 139 13.52 5.90 -4.72
CA ALA A 139 12.95 6.12 -6.04
C ALA A 139 12.34 7.50 -6.10
N SER A 140 12.23 8.04 -7.31
CA SER A 140 11.63 9.35 -7.53
C SER A 140 10.18 9.22 -7.97
N ALA A 141 9.36 10.17 -7.54
CA ALA A 141 8.00 10.29 -8.05
C ALA A 141 8.00 11.15 -9.30
N ASP A 142 7.32 10.68 -10.34
CA ASP A 142 7.27 11.41 -11.61
C ASP A 142 6.09 12.36 -11.69
N ARG A 143 5.08 12.18 -10.86
CA ARG A 143 3.90 13.01 -10.85
C ARG A 143 3.51 13.17 -9.39
N ILE A 144 3.34 14.42 -8.95
CA ILE A 144 2.86 14.70 -7.59
C ILE A 144 1.35 14.88 -7.67
N ILE A 145 0.62 14.19 -6.80
CA ILE A 145 -0.83 14.30 -6.82
C ILE A 145 -1.36 14.92 -5.53
N MET A 146 -2.53 15.54 -5.66
CA MET A 146 -3.22 16.22 -4.57
C MET A 146 -4.41 15.39 -4.12
N ASP A 147 -4.94 15.76 -2.95
CA ASP A 147 -6.07 15.02 -2.40
C ASP A 147 -7.27 15.11 -3.33
N GLY A 148 -7.86 13.97 -3.65
CA GLY A 148 -8.99 13.94 -4.56
C GLY A 148 -8.63 13.93 -6.03
N GLU A 149 -7.34 14.00 -6.37
CA GLU A 149 -6.93 14.04 -7.77
C GLU A 149 -7.16 12.69 -8.44
N VAL A 150 -7.51 12.75 -9.72
CA VAL A 150 -7.83 11.57 -10.52
C VAL A 150 -6.67 11.28 -11.46
N VAL A 151 -6.19 10.04 -11.43
CA VAL A 151 -5.18 9.55 -12.36
C VAL A 151 -5.83 8.50 -13.24
N THR A 152 -5.70 8.64 -14.56
CA THR A 152 -6.42 7.78 -15.49
C THR A 152 -5.45 7.06 -16.41
N VAL A 153 -5.62 5.74 -16.52
CA VAL A 153 -4.88 4.91 -17.45
C VAL A 153 -5.86 4.03 -18.21
N GLY A 154 -5.79 4.08 -19.53
CA GLY A 154 -6.66 3.25 -20.34
C GLY A 154 -8.12 3.44 -20.04
N GLY A 155 -8.52 4.65 -19.65
CA GLY A 155 -9.89 4.94 -19.33
C GLY A 155 -10.30 4.65 -17.90
N ILE A 156 -9.48 3.94 -17.13
CA ILE A 156 -9.81 3.62 -15.75
C ILE A 156 -9.30 4.75 -14.86
N ALA A 157 -10.21 5.36 -14.10
CA ALA A 157 -9.90 6.51 -13.25
C ALA A 157 -9.61 6.03 -11.83
N PHE A 158 -8.43 6.40 -11.31
CA PHE A 158 -8.07 6.12 -9.93
C PHE A 158 -8.09 7.42 -9.14
N THR A 159 -8.80 7.45 -8.03
CA THR A 159 -8.94 8.66 -7.23
C THR A 159 -8.16 8.49 -5.93
N ALA A 160 -7.36 9.51 -5.59
CA ALA A 160 -6.58 9.53 -4.35
C ALA A 160 -7.40 10.12 -3.21
N HIS A 161 -7.34 9.47 -2.05
CA HIS A 161 -7.97 9.97 -0.83
C HIS A 161 -6.90 9.98 0.25
N PHE A 162 -6.44 11.16 0.67
CA PHE A 162 -5.37 11.18 1.66
C PHE A 162 -5.92 10.74 3.00
N MET A 163 -5.18 9.89 3.69
CA MET A 163 -5.55 9.41 5.02
C MET A 163 -4.29 9.36 5.88
N PRO A 164 -3.74 10.52 6.21
CA PRO A 164 -2.48 10.56 6.97
C PRO A 164 -2.60 9.95 8.36
N GLY A 165 -1.51 9.37 8.81
CA GLY A 165 -1.39 8.91 10.18
C GLY A 165 -0.32 7.84 10.21
N HIS A 166 -0.59 6.71 9.57
CA HIS A 166 0.40 5.64 9.58
C HIS A 166 1.72 6.13 8.98
N THR A 167 1.65 6.85 7.86
CA THR A 167 2.68 7.77 7.42
C THR A 167 1.99 9.08 7.10
N PRO A 168 2.73 10.18 7.07
CA PRO A 168 2.10 11.46 6.65
C PRO A 168 1.50 11.38 5.25
N GLY A 169 2.07 10.56 4.37
CA GLY A 169 1.60 10.45 3.01
C GLY A 169 0.63 9.34 2.73
N SER A 170 0.16 8.62 3.75
CA SER A 170 -0.76 7.51 3.57
C SER A 170 -1.96 7.89 2.72
N THR A 171 -2.29 7.03 1.75
CA THR A 171 -3.29 7.32 0.72
C THR A 171 -4.17 6.09 0.49
N ALA A 172 -5.48 6.31 0.36
CA ALA A 172 -6.39 5.31 -0.18
C ALA A 172 -6.62 5.60 -1.66
N TRP A 173 -6.72 4.54 -2.46
CA TRP A 173 -7.01 4.68 -3.88
C TRP A 173 -8.32 3.98 -4.20
N THR A 174 -9.19 4.65 -4.95
CA THR A 174 -10.46 4.04 -5.35
C THR A 174 -10.61 4.02 -6.86
N TRP A 175 -11.29 2.99 -7.35
CA TRP A 175 -11.64 2.88 -8.76
C TRP A 175 -12.82 1.92 -8.88
N THR A 176 -13.51 2.01 -10.02
CA THR A 176 -14.66 1.15 -10.26
C THR A 176 -14.31 0.14 -11.33
N ASP A 177 -14.31 -1.13 -10.95
CA ASP A 177 -14.15 -2.25 -11.87
C ASP A 177 -15.53 -2.86 -12.12
N THR A 178 -15.57 -4.06 -12.69
CA THR A 178 -16.82 -4.75 -12.95
C THR A 178 -16.70 -6.21 -12.56
N ARG A 179 -17.85 -6.86 -12.40
CA ARG A 179 -17.96 -8.29 -12.19
C ARG A 179 -19.41 -8.69 -12.45
N ASP A 180 -19.62 -9.69 -13.31
CA ASP A 180 -20.97 -10.15 -13.65
C ASP A 180 -21.80 -9.01 -14.26
N GLY A 181 -21.14 -8.13 -15.02
CA GLY A 181 -21.81 -7.01 -15.64
C GLY A 181 -22.25 -5.91 -14.70
N LYS A 182 -21.88 -5.99 -13.42
CA LYS A 182 -22.24 -4.97 -12.46
C LYS A 182 -21.00 -4.23 -12.00
N PRO A 183 -21.11 -2.95 -11.69
CA PRO A 183 -19.95 -2.21 -11.20
C PRO A 183 -19.55 -2.69 -9.81
N VAL A 184 -18.25 -2.65 -9.55
CA VAL A 184 -17.69 -3.01 -8.26
C VAL A 184 -16.78 -1.86 -7.87
N ARG A 185 -17.19 -1.06 -6.89
CA ARG A 185 -16.36 0.03 -6.40
C ARG A 185 -15.31 -0.53 -5.46
N ILE A 186 -14.05 -0.49 -5.89
CA ILE A 186 -12.94 -1.02 -5.12
C ILE A 186 -12.29 0.12 -4.35
N ALA A 187 -11.98 -0.11 -3.08
CA ALA A 187 -11.25 0.83 -2.26
C ALA A 187 -10.03 0.11 -1.71
N TYR A 188 -8.84 0.58 -2.09
CA TYR A 188 -7.58 0.09 -1.54
C TYR A 188 -7.16 1.11 -0.49
N ALA A 189 -7.51 0.82 0.76
CA ALA A 189 -7.27 1.74 1.87
C ALA A 189 -5.97 1.38 2.57
N ASP A 190 -5.22 2.41 2.97
CA ASP A 190 -3.94 2.19 3.59
C ASP A 190 -4.09 1.69 5.03
N SER A 191 -2.95 1.28 5.58
CA SER A 191 -2.86 0.92 7.00
C SER A 191 -3.33 2.06 7.89
N LEU A 192 -3.98 1.69 9.00
CA LEU A 192 -4.41 2.60 10.05
C LEU A 192 -3.79 2.23 11.39
N SER A 193 -2.76 1.40 11.36
CA SER A 193 -2.02 1.00 12.54
C SER A 193 -1.02 2.08 12.96
N ALA A 194 -0.56 1.99 14.21
CA ALA A 194 0.46 2.90 14.73
C ALA A 194 1.47 2.10 15.54
N PRO A 195 2.21 1.17 14.89
CA PRO A 195 2.93 0.14 15.65
C PRO A 195 4.12 0.67 16.40
N GLY A 196 4.01 0.72 17.73
CA GLY A 196 5.09 1.26 18.54
C GLY A 196 5.25 2.76 18.46
N TYR A 197 4.31 3.48 17.85
CA TYR A 197 4.44 4.91 17.70
C TYR A 197 4.20 5.62 19.04
N GLN A 198 4.93 6.70 19.28
CA GLN A 198 4.56 7.66 20.31
C GLN A 198 3.43 8.53 19.74
N LEU A 199 2.24 8.41 20.31
CA LEU A 199 1.09 9.11 19.74
C LEU A 199 0.98 10.53 20.26
N LYS A 200 1.25 10.74 21.55
CA LYS A 200 1.02 12.02 22.22
C LYS A 200 2.28 12.85 22.25
N GLY A 201 2.14 14.13 21.93
CA GLY A 201 3.28 15.05 22.06
C GLY A 201 4.50 14.61 21.30
N ASN A 202 4.31 14.01 20.13
CA ASN A 202 5.42 13.55 19.32
C ASN A 202 6.04 14.75 18.60
N PRO A 203 7.28 15.12 18.91
CA PRO A 203 7.84 16.33 18.28
C PRO A 203 7.99 16.20 16.78
N ARG A 204 8.15 14.99 16.24
CA ARG A 204 8.26 14.82 14.80
C ARG A 204 6.89 14.76 14.11
N TYR A 205 5.79 14.62 14.86
CA TYR A 205 4.45 14.55 14.26
C TYR A 205 3.47 15.11 15.28
N PRO A 206 3.46 16.43 15.46
CA PRO A 206 2.66 17.03 16.55
C PRO A 206 1.16 16.83 16.42
N ARG A 207 0.62 16.73 15.21
CA ARG A 207 -0.83 16.56 15.02
C ARG A 207 -1.19 15.11 14.67
N LEU A 208 -0.36 14.15 15.10
CA LEU A 208 -0.59 12.75 14.77
C LEU A 208 -2.00 12.30 15.15
N ILE A 209 -2.45 12.60 16.38
CA ILE A 209 -3.75 12.10 16.83
C ILE A 209 -4.86 12.72 15.99
N GLU A 210 -4.78 14.03 15.73
CA GLU A 210 -5.79 14.69 14.93
C GLU A 210 -5.85 14.10 13.51
N ASP A 211 -4.69 13.76 12.93
CA ASP A 211 -4.67 13.18 11.59
C ASP A 211 -5.30 11.79 11.57
N TYR A 212 -4.94 10.94 12.53
CA TYR A 212 -5.57 9.61 12.60
C TYR A 212 -7.08 9.73 12.73
N LYS A 213 -7.57 10.58 13.64
CA LYS A 213 -9.00 10.71 13.86
C LYS A 213 -9.72 11.12 12.58
N ARG A 214 -9.14 12.09 11.85
CA ARG A 214 -9.69 12.48 10.56
C ARG A 214 -9.63 11.33 9.55
N SER A 215 -8.56 10.53 9.61
CA SER A 215 -8.41 9.46 8.63
C SER A 215 -9.40 8.32 8.87
N PHE A 216 -9.73 8.02 10.13
CA PHE A 216 -10.81 7.07 10.36
C PHE A 216 -12.07 7.52 9.66
N ALA A 217 -12.40 8.81 9.77
CA ALA A 217 -13.62 9.32 9.15
C ALA A 217 -13.52 9.25 7.63
N THR A 218 -12.33 9.54 7.08
CA THR A 218 -12.15 9.46 5.65
C THR A 218 -12.38 8.04 5.15
N VAL A 219 -11.85 7.05 5.85
CA VAL A 219 -12.02 5.66 5.44
C VAL A 219 -13.49 5.26 5.50
N ARG A 220 -14.21 5.69 6.56
CA ARG A 220 -15.64 5.35 6.68
C ARG A 220 -16.44 5.82 5.47
N ALA A 221 -16.05 6.96 4.89
CA ALA A 221 -16.82 7.60 3.84
C ALA A 221 -16.38 7.20 2.43
N LEU A 222 -15.43 6.27 2.29
CA LEU A 222 -14.95 5.91 0.96
C LEU A 222 -16.05 5.23 0.16
N PRO A 223 -16.10 5.46 -1.15
CA PRO A 223 -17.00 4.68 -2.01
C PRO A 223 -16.47 3.26 -2.12
N CYS A 224 -17.26 2.29 -1.68
CA CYS A 224 -16.68 0.97 -1.50
C CYS A 224 -17.75 -0.12 -1.56
N ASP A 225 -17.62 -1.03 -2.53
CA ASP A 225 -18.25 -2.34 -2.49
C ASP A 225 -17.28 -3.44 -2.08
N LEU A 226 -15.98 -3.20 -2.21
CA LEU A 226 -14.98 -4.21 -1.89
C LEU A 226 -13.73 -3.49 -1.39
N LEU A 227 -13.39 -3.75 -0.14
CA LEU A 227 -12.24 -3.14 0.52
C LEU A 227 -11.05 -4.08 0.46
N LEU A 228 -9.89 -3.55 0.09
CA LEU A 228 -8.61 -4.25 0.21
C LEU A 228 -7.64 -3.37 0.97
N THR A 229 -6.62 -3.99 1.57
CA THR A 229 -5.63 -3.30 2.40
C THR A 229 -4.23 -3.83 2.11
N PRO A 230 -3.20 -3.03 2.36
CA PRO A 230 -1.81 -3.50 2.10
C PRO A 230 -1.46 -4.81 2.78
N HIS A 231 -1.86 -4.97 4.04
CA HIS A 231 -1.84 -6.27 4.68
C HIS A 231 -3.22 -6.87 4.57
N PRO A 232 -3.40 -7.98 3.86
CA PRO A 232 -4.75 -8.51 3.65
C PRO A 232 -5.47 -8.82 4.95
N GLY A 233 -4.74 -9.25 5.97
CA GLY A 233 -5.37 -9.58 7.23
C GLY A 233 -6.04 -8.39 7.90
N ALA A 234 -5.60 -7.16 7.60
CA ALA A 234 -6.19 -5.99 8.22
C ALA A 234 -7.63 -5.79 7.78
N SER A 235 -8.00 -6.28 6.60
CA SER A 235 -9.38 -6.23 6.15
C SER A 235 -10.00 -7.63 6.06
N ASN A 236 -9.39 -8.61 6.74
CA ASN A 236 -9.90 -9.98 6.85
C ASN A 236 -9.93 -10.72 5.51
N TRP A 237 -9.03 -10.37 4.59
CA TRP A 237 -8.81 -11.20 3.42
C TRP A 237 -7.89 -12.37 3.78
N ASN A 238 -8.01 -13.47 3.02
CA ASN A 238 -7.08 -14.59 3.11
C ASN A 238 -6.71 -15.02 1.70
N TYR A 239 -5.60 -14.46 1.17
CA TYR A 239 -5.24 -14.70 -0.22
C TYR A 239 -4.95 -16.17 -0.52
N ALA A 240 -4.61 -16.97 0.50
CA ALA A 240 -4.22 -18.35 0.24
C ALA A 240 -5.39 -19.28 -0.08
N VAL A 241 -6.63 -18.86 0.12
CA VAL A 241 -7.77 -19.75 -0.08
C VAL A 241 -8.53 -19.44 -1.37
N GLY A 242 -7.90 -18.79 -2.34
CA GLY A 242 -8.45 -18.75 -3.68
C GLY A 242 -9.76 -18.01 -3.79
N SER A 243 -10.78 -18.68 -4.33
CA SER A 243 -12.06 -18.02 -4.60
C SER A 243 -12.80 -17.65 -3.33
N LYS A 244 -12.40 -18.18 -2.17
CA LYS A 244 -12.96 -17.80 -0.89
C LYS A 244 -12.19 -16.67 -0.21
N ALA A 245 -11.18 -16.12 -0.89
CA ALA A 245 -10.25 -15.18 -0.25
C ALA A 245 -10.96 -13.95 0.29
N SER A 246 -12.00 -13.47 -0.41
CA SER A 246 -12.69 -12.25 -0.01
C SER A 246 -13.88 -12.49 0.91
N ALA A 247 -14.15 -13.74 1.28
CA ALA A 247 -15.44 -14.06 1.91
C ALA A 247 -15.67 -13.27 3.19
N GLU A 248 -14.64 -13.16 4.04
CA GLU A 248 -14.77 -12.51 5.34
C GLU A 248 -14.34 -11.04 5.33
N ALA A 249 -14.07 -10.48 4.15
CA ALA A 249 -13.57 -9.10 4.08
C ALA A 249 -14.49 -8.12 4.80
N LEU A 250 -13.87 -7.19 5.51
CA LEU A 250 -14.56 -6.13 6.22
C LEU A 250 -15.10 -5.08 5.26
N THR A 251 -16.15 -4.38 5.71
CA THR A 251 -16.52 -3.11 5.10
C THR A 251 -15.54 -2.02 5.51
N CYS A 252 -15.60 -0.90 4.79
CA CYS A 252 -14.83 0.28 5.22
C CYS A 252 -15.22 0.71 6.61
N ASN A 253 -16.52 0.70 6.94
CA ASN A 253 -16.91 1.13 8.29
C ASN A 253 -16.32 0.21 9.35
N ALA A 254 -16.31 -1.10 9.10
CA ALA A 254 -15.81 -2.03 10.10
C ALA A 254 -14.30 -1.92 10.24
N TYR A 255 -13.61 -1.72 9.11
CA TYR A 255 -12.16 -1.54 9.15
C TYR A 255 -11.79 -0.31 9.95
N ALA A 256 -12.47 0.81 9.68
CA ALA A 256 -12.19 2.05 10.41
C ALA A 256 -12.53 1.90 11.89
N ASP A 257 -13.66 1.25 12.21
CA ASP A 257 -14.06 1.06 13.60
C ASP A 257 -13.02 0.23 14.35
N ALA A 258 -12.58 -0.87 13.74
CA ALA A 258 -11.60 -1.72 14.41
C ALA A 258 -10.30 -0.98 14.64
N ALA A 259 -9.88 -0.18 13.66
CA ALA A 259 -8.63 0.55 13.79
C ALA A 259 -8.74 1.63 14.85
N GLU A 260 -9.90 2.30 14.92
CA GLU A 260 -10.06 3.36 15.91
C GLU A 260 -10.12 2.80 17.33
N LYS A 261 -10.82 1.68 17.52
CA LYS A 261 -10.82 1.03 18.82
C LYS A 261 -9.40 0.66 19.24
N LYS A 262 -8.62 0.08 18.33
CA LYS A 262 -7.24 -0.25 18.64
C LYS A 262 -6.43 0.99 18.97
N PHE A 263 -6.64 2.07 18.21
CA PHE A 263 -5.90 3.31 18.44
C PHE A 263 -6.24 3.91 19.80
N ASP A 264 -7.53 3.98 20.13
CA ASP A 264 -7.96 4.54 21.41
C ASP A 264 -7.39 3.73 22.57
N ALA A 265 -7.35 2.40 22.43
CA ALA A 265 -6.81 1.56 23.50
C ALA A 265 -5.32 1.78 23.65
N GLN A 266 -4.61 1.90 22.52
CA GLN A 266 -3.19 2.17 22.55
C GLN A 266 -2.91 3.54 23.16
N LEU A 267 -3.74 4.53 22.84
CA LEU A 267 -3.58 5.85 23.41
C LEU A 267 -3.71 5.80 24.94
N ALA A 268 -4.69 5.05 25.44
CA ALA A 268 -4.86 4.95 26.88
C ALA A 268 -3.69 4.19 27.53
N ARG A 269 -3.17 3.16 26.85
CA ARG A 269 -2.02 2.44 27.38
C ARG A 269 -0.78 3.32 27.39
N GLU A 270 -0.64 4.19 26.39
CA GLU A 270 0.48 5.13 26.40
C GLU A 270 0.36 6.10 27.57
N THR A 271 -0.84 6.59 27.83
CA THR A 271 -1.08 7.38 29.03
C THR A 271 -0.75 6.58 30.29
N ALA A 272 -0.99 5.27 30.26
CA ALA A 272 -0.72 4.38 31.39
C ALA A 272 0.69 3.80 31.34
N GLY A 273 1.61 4.43 30.61
CA GLY A 273 2.97 3.91 30.51
C GLY A 273 3.24 3.20 29.19
C1 EDO B . 5.63 4.29 22.42
O1 EDO B . 6.94 4.82 22.23
C2 EDO B . 4.98 4.91 23.65
O2 EDO B . 5.15 4.06 24.78
CD CD C . 3.24 -2.75 6.41
CD CD D . 4.06 0.73 7.32
O4 MX1 E . 0.03 -1.75 9.17
C7 MX1 E . 1.19 -1.91 8.70
O3 MX1 E . 1.44 -1.49 7.54
C4 MX1 E . 2.27 -2.57 9.45
N1 MX1 E . 3.42 -2.58 8.94
C5 MX1 E . 2.12 -3.17 10.78
C8 MX1 E . 0.96 -3.28 11.41
C6 MX1 E . 3.37 -3.67 11.47
O2 MX1 E . 4.27 -4.20 10.50
C3 MX1 E . 4.60 -3.27 9.47
C2 MX1 E . 5.67 -2.24 9.91
C1 MX1 E . 5.04 -0.96 10.38
O32 MX1 E . 4.70 -0.11 9.55
O31 MX1 E . 4.88 -0.78 11.61
O5 MX1 E . 6.48 -1.98 8.76
C9 MX1 E . 7.56 -1.05 8.86
N2 MX1 E . 6.50 -2.74 11.01
C10 MX1 E . 7.26 -3.84 10.98
O6 MX1 E . 7.36 -4.56 10.01
C11 MX1 E . 8.04 -4.16 12.24
C12 MX1 E . 7.34 -3.79 13.53
O8 MX1 E . 6.63 -2.77 13.59
O7 MX1 E . 7.54 -4.53 14.52
C13 MX1 E . 9.38 -3.52 12.21
C14 MX1 E . 9.52 -2.14 12.29
C18 MX1 E . 10.53 -4.31 12.12
C17 MX1 E . 11.79 -3.73 12.09
C16 MX1 E . 11.91 -2.34 12.15
O9 MX1 E . 13.15 -1.76 12.13
C15 MX1 E . 10.78 -1.54 12.25
#